data_4L9M
#
_entry.id   4L9M
#
_cell.length_a   76.380
_cell.length_b   76.380
_cell.length_c   408.370
_cell.angle_alpha   90.00
_cell.angle_beta   90.00
_cell.angle_gamma   120.00
#
_symmetry.space_group_name_H-M   'P 61 2 2'
#
loop_
_entity.id
_entity.type
_entity.pdbx_description
1 polymer 'RAS guanyl-releasing protein 1'
2 non-polymer 'CITRIC ACID'
3 non-polymer GLYCEROL
4 non-polymer 'ZINC ION'
5 water water
#
_entity_poly.entity_id   1
_entity_poly.type   'polypeptide(L)'
_entity_poly.pdbx_seq_one_letter_code
;SMVSLGHLAKGASLDDLIDSCIQSFDADGNLCRSNQLLQVMLTMHRIVISSAELLQKVITLYKDALAKNSPGLCLKICYF
VRYWITEFWVMFKMDASLTDTMEEFQELVKAKGEELHCRLIDTTQINARDWSRKLTQRIKSNTSKKRKVSLLFDHLEPEE
LSEHLTYLEFKSFRRISFSDYQNYLVNSCVKENPTMERSIALCNGISQWVQLMVLSRPTPQLRAEVFIKFIQVAQKLHQL
QNFNTLMAVIGGLCHSSISRLKETSSHVPHEINKVLGEMTELLSSSRNYDNYRRAYGECTDFKIPILGVHLKDLISLYEA
MPDYLEDGKVNVHKLLALYNHISELVQLQEVAPPLEANKDLVHLLTLSLDLYYTEDEIYELSYAREPRNHRAPPLTPSKP
PVVVDWASGVSPKPDPKTISKHVQRMVDSVFKNYDHDQDGYISQEEFEKIAASFPFSFCVMDKDREGLISRDEITAYFMR
ASSIYSKLGLGFPHNFQETTYLKPTFCDNCAGFLWGVIKQGYRCKDCGMNCHKQCKDLVVFECKKRAKNPVAPTENNTS
;
_entity_poly.pdbx_strand_id   A
#
loop_
_chem_comp.id
_chem_comp.type
_chem_comp.name
_chem_comp.formula
CIT non-polymer 'CITRIC ACID' 'C6 H8 O7'
GOL non-polymer GLYCEROL 'C3 H8 O3'
ZN non-polymer 'ZINC ION' 'Zn 2'
#
# COMPACT_ATOMS: atom_id res chain seq x y z
N LEU A 5 -22.99 16.89 -23.95
CA LEU A 5 -21.85 17.74 -23.64
C LEU A 5 -21.33 18.43 -24.90
N GLY A 6 -20.21 19.13 -24.76
CA GLY A 6 -19.52 19.68 -25.92
C GLY A 6 -19.08 18.49 -26.75
N HIS A 7 -19.27 18.52 -28.06
CA HIS A 7 -19.28 17.28 -28.82
C HIS A 7 -18.16 16.96 -29.81
N LEU A 8 -17.50 15.82 -29.59
CA LEU A 8 -16.53 15.26 -30.53
C LEU A 8 -16.83 13.78 -30.75
N ALA A 9 -17.22 13.43 -31.98
CA ALA A 9 -17.58 12.07 -32.33
C ALA A 9 -16.37 11.35 -32.92
N LYS A 10 -15.88 11.88 -34.04
CA LYS A 10 -14.67 11.36 -34.66
C LYS A 10 -13.45 11.89 -33.92
N GLY A 11 -13.69 12.69 -32.90
CA GLY A 11 -12.59 13.25 -32.14
C GLY A 11 -11.96 14.43 -32.83
N ALA A 12 -10.89 14.94 -32.26
CA ALA A 12 -10.33 16.20 -32.72
C ALA A 12 -8.82 16.22 -32.56
N SER A 13 -8.18 17.11 -33.31
CA SER A 13 -6.73 17.28 -33.24
C SER A 13 -6.34 17.74 -31.84
N LEU A 14 -5.18 17.26 -31.39
CA LEU A 14 -4.64 17.57 -30.09
C LEU A 14 -4.44 19.08 -29.94
N ASP A 15 -3.96 19.72 -31.00
CA ASP A 15 -3.81 21.17 -31.01
C ASP A 15 -5.14 21.84 -30.66
N ASP A 16 -6.21 21.39 -31.30
CA ASP A 16 -7.52 21.97 -31.04
C ASP A 16 -8.06 21.64 -29.64
N LEU A 17 -7.72 20.48 -29.09
CA LEU A 17 -8.13 20.15 -27.74
C LEU A 17 -7.48 21.12 -26.75
N ILE A 18 -6.22 21.43 -27.03
CA ILE A 18 -5.51 22.44 -26.25
C ILE A 18 -6.15 23.82 -26.40
N ASP A 19 -6.38 24.22 -27.65
CA ASP A 19 -7.04 25.50 -27.96
C ASP A 19 -8.36 25.65 -27.21
N SER A 20 -9.15 24.59 -27.21
CA SER A 20 -10.43 24.57 -26.50
C SER A 20 -10.22 24.72 -25.00
N CYS A 21 -9.24 23.97 -24.49
CA CYS A 21 -8.90 24.10 -23.07
C CYS A 21 -8.60 25.53 -22.68
N ILE A 22 -7.72 26.19 -23.43
CA ILE A 22 -7.38 27.58 -23.16
C ILE A 22 -8.58 28.52 -23.30
N GLN A 23 -9.43 28.24 -24.29
CA GLN A 23 -10.58 29.10 -24.59
C GLN A 23 -11.70 28.93 -23.58
N SER A 24 -11.63 27.88 -22.77
CA SER A 24 -12.55 27.75 -21.64
C SER A 24 -12.32 28.83 -20.58
N PHE A 25 -11.11 29.34 -20.48
CA PHE A 25 -10.84 30.54 -19.69
C PHE A 25 -11.12 31.85 -20.44
N ASP A 26 -11.33 32.94 -19.70
CA ASP A 26 -11.47 34.27 -20.32
C ASP A 26 -10.36 35.19 -19.83
N ALA A 27 -10.20 36.34 -20.48
CA ALA A 27 -9.17 37.30 -20.10
C ALA A 27 -9.18 37.66 -18.60
N ASP A 28 -10.37 37.80 -18.03
CA ASP A 28 -10.50 38.08 -16.60
C ASP A 28 -10.19 36.85 -15.74
N GLY A 29 -10.12 35.69 -16.39
CA GLY A 29 -9.68 34.49 -15.72
C GLY A 29 -10.79 33.52 -15.39
N ASN A 30 -12.02 34.01 -15.42
CA ASN A 30 -13.17 33.20 -15.07
C ASN A 30 -13.27 31.96 -15.95
N LEU A 31 -13.80 30.88 -15.38
CA LEU A 31 -13.82 29.60 -16.08
C LEU A 31 -15.23 29.30 -16.58
N CYS A 32 -15.32 28.59 -17.71
CA CYS A 32 -16.61 28.25 -18.31
C CYS A 32 -17.47 27.41 -17.39
N ARG A 33 -18.79 27.52 -17.54
CA ARG A 33 -19.70 26.78 -16.69
C ARG A 33 -19.62 25.28 -16.95
N SER A 34 -19.19 24.91 -18.16
CA SER A 34 -18.96 23.51 -18.51
C SER A 34 -17.49 23.23 -18.73
N ASN A 35 -16.89 22.52 -17.78
CA ASN A 35 -15.45 22.26 -17.79
C ASN A 35 -14.98 20.91 -18.28
N GLN A 36 -15.90 20.01 -18.58
CA GLN A 36 -15.53 18.60 -18.66
C GLN A 36 -14.44 18.32 -19.68
N LEU A 37 -14.25 19.25 -20.62
CA LEU A 37 -13.14 19.14 -21.55
C LEU A 37 -11.81 19.40 -20.84
N LEU A 38 -11.79 20.38 -19.95
CA LEU A 38 -10.63 20.64 -19.09
C LEU A 38 -10.31 19.43 -18.25
N GLN A 39 -11.33 18.86 -17.64
CA GLN A 39 -11.13 17.75 -16.73
C GLN A 39 -10.52 16.57 -17.48
N VAL A 40 -11.23 16.12 -18.50
CA VAL A 40 -10.80 14.97 -19.28
C VAL A 40 -9.40 15.19 -19.86
N MET A 41 -9.16 16.34 -20.46
CA MET A 41 -7.85 16.59 -21.04
C MET A 41 -6.75 16.60 -19.98
N LEU A 42 -6.87 17.47 -19.00
CA LEU A 42 -5.83 17.62 -17.97
C LEU A 42 -5.55 16.33 -17.21
N THR A 43 -6.57 15.51 -17.01
CA THR A 43 -6.37 14.22 -16.37
C THR A 43 -5.82 13.13 -17.31
N MET A 44 -6.42 13.01 -18.50
CA MET A 44 -6.11 11.87 -19.36
C MET A 44 -5.02 12.08 -20.41
N HIS A 45 -4.58 13.32 -20.61
CA HIS A 45 -3.69 13.64 -21.73
C HIS A 45 -2.44 12.77 -21.79
N ARG A 46 -2.02 12.26 -20.63
CA ARG A 46 -0.78 11.52 -20.52
C ARG A 46 -0.73 10.25 -21.37
N ILE A 47 -1.88 9.79 -21.85
CA ILE A 47 -1.88 8.59 -22.69
C ILE A 47 -1.46 8.89 -24.12
N VAL A 48 -1.93 10.02 -24.66
CA VAL A 48 -1.54 10.40 -26.02
C VAL A 48 -0.13 11.01 -26.08
N ILE A 49 0.15 11.96 -25.20
CA ILE A 49 1.49 12.53 -25.07
C ILE A 49 1.87 12.76 -23.61
N SER A 50 3.15 12.97 -23.38
CA SER A 50 3.66 13.31 -22.06
C SER A 50 3.25 14.73 -21.68
N SER A 51 3.22 15.03 -20.38
CA SER A 51 2.86 16.35 -19.88
C SER A 51 3.92 17.41 -20.19
N ALA A 52 5.17 16.97 -20.31
CA ALA A 52 6.24 17.86 -20.71
C ALA A 52 5.96 18.41 -22.11
N GLU A 53 5.81 17.52 -23.07
CA GLU A 53 5.54 17.92 -24.47
C GLU A 53 4.28 18.78 -24.59
N LEU A 54 3.27 18.47 -23.78
CA LEU A 54 2.04 19.25 -23.78
C LEU A 54 2.28 20.67 -23.32
N LEU A 55 2.96 20.78 -22.19
CA LEU A 55 3.35 22.09 -21.66
C LEU A 55 4.18 22.85 -22.70
N GLN A 56 5.03 22.13 -23.42
CA GLN A 56 5.81 22.74 -24.49
C GLN A 56 4.92 23.29 -25.59
N LYS A 57 3.85 22.57 -25.90
CA LYS A 57 2.86 23.05 -26.87
C LYS A 57 2.27 24.35 -26.37
N VAL A 58 1.93 24.38 -25.07
CA VAL A 58 1.41 25.60 -24.47
C VAL A 58 2.42 26.74 -24.56
N ILE A 59 3.71 26.43 -24.44
CA ILE A 59 4.77 27.44 -24.51
C ILE A 59 4.91 28.02 -25.92
N THR A 60 4.90 27.16 -26.92
CA THR A 60 4.92 27.61 -28.31
C THR A 60 3.71 28.49 -28.54
N LEU A 61 2.58 28.08 -27.98
CA LEU A 61 1.34 28.86 -28.05
C LEU A 61 1.50 30.25 -27.43
N TYR A 62 2.22 30.31 -26.31
CA TYR A 62 2.40 31.54 -25.58
C TYR A 62 3.33 32.50 -26.31
N LYS A 63 4.46 31.98 -26.78
CA LYS A 63 5.39 32.78 -27.56
C LYS A 63 4.67 33.35 -28.79
N ASP A 64 3.95 32.47 -29.48
CA ASP A 64 3.16 32.84 -30.64
C ASP A 64 2.20 33.99 -30.33
N ALA A 65 1.35 33.79 -29.32
CA ALA A 65 0.34 34.77 -28.95
C ALA A 65 0.95 36.08 -28.46
N LEU A 66 2.11 36.02 -27.83
CA LEU A 66 2.76 37.24 -27.36
C LEU A 66 3.32 38.01 -28.54
N ALA A 67 3.83 37.28 -29.53
CA ALA A 67 4.35 37.87 -30.76
C ALA A 67 3.21 38.45 -31.61
N LYS A 68 2.01 37.91 -31.42
CA LYS A 68 0.81 38.40 -32.08
C LYS A 68 0.31 39.64 -31.36
N ASN A 69 0.92 39.93 -30.21
CA ASN A 69 0.62 41.12 -29.44
C ASN A 69 -0.86 41.17 -29.03
N SER A 70 -1.35 40.05 -28.51
CA SER A 70 -2.68 39.97 -27.95
C SER A 70 -2.61 39.59 -26.47
N PRO A 71 -2.91 40.56 -25.57
CA PRO A 71 -2.84 40.33 -24.12
C PRO A 71 -3.87 39.32 -23.62
N GLY A 72 -5.01 39.24 -24.29
CA GLY A 72 -6.08 38.33 -23.92
C GLY A 72 -5.73 36.86 -24.07
N LEU A 73 -5.12 36.50 -25.20
CA LEU A 73 -4.75 35.10 -25.44
C LEU A 73 -3.63 34.65 -24.51
N CYS A 74 -2.72 35.56 -24.23
CA CYS A 74 -1.65 35.30 -23.27
C CYS A 74 -2.23 35.10 -21.88
N LEU A 75 -3.05 36.05 -21.43
CA LEU A 75 -3.71 35.94 -20.13
C LEU A 75 -4.51 34.66 -19.98
N LYS A 76 -5.32 34.35 -20.98
CA LYS A 76 -6.07 33.10 -20.99
C LYS A 76 -5.15 31.90 -20.85
N ILE A 77 -4.04 31.90 -21.62
CA ILE A 77 -3.11 30.78 -21.55
C ILE A 77 -2.58 30.61 -20.13
N CYS A 78 -2.18 31.73 -19.53
CA CYS A 78 -1.65 31.73 -18.17
C CYS A 78 -2.67 31.29 -17.16
N TYR A 79 -3.93 31.69 -17.33
CA TYR A 79 -5.00 31.26 -16.43
C TYR A 79 -5.21 29.75 -16.54
N PHE A 80 -5.18 29.25 -17.76
CA PHE A 80 -5.26 27.81 -18.01
C PHE A 80 -4.16 27.08 -17.27
N VAL A 81 -2.92 27.53 -17.45
CA VAL A 81 -1.77 26.96 -16.79
C VAL A 81 -1.90 27.02 -15.27
N ARG A 82 -2.29 28.17 -14.75
CA ARG A 82 -2.48 28.36 -13.32
C ARG A 82 -3.47 27.36 -12.80
N TYR A 83 -4.48 27.08 -13.60
CA TYR A 83 -5.50 26.09 -13.25
C TYR A 83 -4.92 24.69 -13.25
N TRP A 84 -4.02 24.43 -14.19
CA TRP A 84 -3.39 23.13 -14.28
C TRP A 84 -2.54 22.86 -13.03
N ILE A 85 -1.70 23.84 -12.70
CA ILE A 85 -0.84 23.79 -11.53
C ILE A 85 -1.63 23.70 -10.23
N THR A 86 -2.69 24.51 -10.13
CA THR A 86 -3.45 24.55 -8.88
C THR A 86 -4.32 23.31 -8.70
N GLU A 87 -5.04 22.95 -9.74
CA GLU A 87 -6.00 21.86 -9.62
C GLU A 87 -5.36 20.46 -9.64
N PHE A 88 -4.25 20.30 -10.34
CA PHE A 88 -3.47 19.09 -10.15
C PHE A 88 -2.04 19.44 -9.77
N TRP A 89 -1.72 19.34 -8.50
CA TRP A 89 -0.34 19.54 -8.07
C TRP A 89 0.46 18.25 -8.20
N VAL A 90 -0.21 17.13 -7.93
CA VAL A 90 0.41 15.81 -7.91
C VAL A 90 1.16 15.50 -9.21
N MET A 91 0.52 15.79 -10.34
CA MET A 91 1.14 15.59 -11.65
C MET A 91 2.46 16.34 -11.74
N PHE A 92 2.52 17.50 -11.10
CA PHE A 92 3.70 18.36 -11.14
C PHE A 92 4.79 17.89 -10.19
N LYS A 93 4.38 17.42 -9.02
CA LYS A 93 5.37 16.90 -8.06
C LYS A 93 6.02 15.62 -8.57
N MET A 94 5.21 14.70 -9.07
CA MET A 94 5.72 13.40 -9.50
C MET A 94 6.56 13.49 -10.78
N ASP A 95 6.12 14.33 -11.72
CA ASP A 95 6.79 14.45 -13.02
C ASP A 95 7.94 15.46 -12.96
N ALA A 96 9.15 14.95 -13.20
CA ALA A 96 10.34 15.80 -13.20
C ALA A 96 10.38 16.67 -14.44
N SER A 97 10.15 16.07 -15.61
CA SER A 97 10.25 16.78 -16.88
C SER A 97 9.25 17.92 -16.92
N LEU A 98 8.07 17.67 -16.35
CA LEU A 98 7.04 18.69 -16.26
C LEU A 98 7.52 19.86 -15.42
N THR A 99 8.10 19.56 -14.26
CA THR A 99 8.56 20.62 -13.35
C THR A 99 9.68 21.44 -13.99
N ASP A 100 10.59 20.77 -14.68
CA ASP A 100 11.70 21.46 -15.34
C ASP A 100 11.21 22.33 -16.51
N THR A 101 10.23 21.83 -17.26
CA THR A 101 9.64 22.62 -18.33
C THR A 101 8.84 23.80 -17.76
N MET A 102 8.37 23.63 -16.52
CA MET A 102 7.66 24.70 -15.81
C MET A 102 8.62 25.79 -15.39
N GLU A 103 9.78 25.39 -14.88
CA GLU A 103 10.82 26.35 -14.56
C GLU A 103 11.25 27.07 -15.83
N GLU A 104 11.41 26.32 -16.92
CA GLU A 104 11.78 26.92 -18.19
C GLU A 104 10.78 27.99 -18.62
N PHE A 105 9.49 27.64 -18.58
CA PHE A 105 8.42 28.56 -18.92
C PHE A 105 8.42 29.80 -18.02
N GLN A 106 8.67 29.59 -16.73
CA GLN A 106 8.70 30.68 -15.77
C GLN A 106 9.87 31.63 -16.03
N GLU A 107 11.02 31.06 -16.33
CA GLU A 107 12.22 31.84 -16.63
C GLU A 107 12.06 32.54 -17.97
N LEU A 108 11.23 31.97 -18.84
CA LEU A 108 10.94 32.56 -20.14
C LEU A 108 10.06 33.79 -19.99
N VAL A 109 8.97 33.62 -19.24
CA VAL A 109 8.05 34.73 -19.04
C VAL A 109 8.66 35.78 -18.12
N LYS A 110 9.66 35.38 -17.34
CA LYS A 110 10.38 36.31 -16.48
C LYS A 110 11.43 37.09 -17.27
N ALA A 111 12.09 36.41 -18.19
CA ALA A 111 13.09 37.05 -19.05
C ALA A 111 12.40 38.04 -19.97
N LYS A 112 11.21 37.67 -20.43
CA LYS A 112 10.37 38.61 -21.14
C LYS A 112 9.78 39.58 -20.13
N GLY A 113 9.52 39.08 -18.92
CA GLY A 113 9.11 39.90 -17.80
C GLY A 113 7.88 40.77 -18.03
N GLU A 114 6.77 40.17 -18.46
CA GLU A 114 5.56 40.96 -18.62
C GLU A 114 4.61 40.75 -17.44
N GLU A 115 4.62 41.73 -16.55
CA GLU A 115 3.64 41.92 -15.48
C GLU A 115 3.17 40.68 -14.70
N LEU A 116 1.87 40.43 -14.75
CA LEU A 116 1.17 39.46 -13.92
C LEU A 116 1.37 38.01 -14.35
N HIS A 117 1.74 37.82 -15.61
CA HIS A 117 1.94 36.51 -16.20
C HIS A 117 2.79 35.61 -15.32
N CYS A 118 3.81 36.21 -14.73
CA CYS A 118 4.74 35.52 -13.86
C CYS A 118 4.05 35.13 -12.56
N ARG A 119 3.32 36.08 -11.98
CA ARG A 119 2.59 35.82 -10.76
C ARG A 119 1.60 34.67 -10.93
N LEU A 120 0.99 34.58 -12.11
CA LEU A 120 -0.04 33.57 -12.35
C LEU A 120 0.49 32.13 -12.40
N ILE A 121 1.69 31.95 -12.92
CA ILE A 121 2.26 30.60 -13.09
C ILE A 121 3.23 30.10 -12.01
N ASP A 122 3.39 30.86 -10.93
CA ASP A 122 4.34 30.47 -9.89
C ASP A 122 4.02 29.15 -9.17
N THR A 123 4.98 28.23 -9.17
CA THR A 123 4.86 26.97 -8.45
C THR A 123 5.22 27.06 -6.95
N THR A 124 6.04 28.04 -6.60
CA THR A 124 6.62 28.10 -5.26
C THR A 124 5.57 28.20 -4.14
N GLN A 125 4.64 29.12 -4.28
CA GLN A 125 3.62 29.36 -3.26
C GLN A 125 2.67 28.17 -3.12
N ILE A 126 2.25 27.61 -4.25
CA ILE A 126 1.40 26.44 -4.25
C ILE A 126 2.12 25.29 -3.56
N ASN A 127 3.41 25.14 -3.86
CA ASN A 127 4.22 24.08 -3.27
C ASN A 127 4.37 24.28 -1.77
N ALA A 128 4.48 25.54 -1.37
CA ALA A 128 4.66 25.89 0.03
C ALA A 128 3.40 25.49 0.79
N ARG A 129 2.26 25.92 0.26
CA ARG A 129 0.98 25.59 0.87
C ARG A 129 0.69 24.09 0.84
N ASP A 130 1.27 23.36 -0.10
CA ASP A 130 1.02 21.92 -0.20
C ASP A 130 1.73 21.12 0.90
N TRP A 131 2.95 21.54 1.22
CA TRP A 131 3.73 20.90 2.28
C TRP A 131 3.30 21.47 3.62
N SER A 132 2.41 22.46 3.56
CA SER A 132 2.04 23.25 4.73
C SER A 132 1.21 22.50 5.76
N ARG A 133 0.85 21.25 5.49
CA ARG A 133 0.13 20.53 6.52
C ARG A 133 1.16 19.87 7.40
N LYS A 134 1.42 20.52 8.53
CA LYS A 134 2.28 20.00 9.58
C LYS A 134 1.44 19.12 10.48
N LEU A 135 0.23 19.61 10.74
CA LEU A 135 -0.80 18.81 11.38
C LEU A 135 -1.41 17.90 10.35
N THR A 136 -1.94 16.78 10.81
CA THR A 136 -2.33 15.67 9.94
C THR A 136 -3.35 16.05 8.85
N GLN A 137 -3.26 15.36 7.72
CA GLN A 137 -4.19 15.57 6.61
C GLN A 137 -5.09 14.34 6.45
N LYS A 145 -11.17 11.52 24.15
CA LYS A 145 -9.81 11.15 23.77
C LYS A 145 -9.79 9.82 23.05
N LYS A 146 -10.07 9.86 21.74
CA LYS A 146 -10.07 8.67 20.89
C LYS A 146 -10.89 7.55 21.54
N ARG A 147 -10.32 6.35 21.56
CA ARG A 147 -10.87 5.24 22.33
C ARG A 147 -9.73 4.31 22.73
N LYS A 148 -10.03 3.26 23.47
CA LYS A 148 -8.99 2.37 23.98
C LYS A 148 -9.17 0.92 23.56
N VAL A 149 -8.20 0.40 22.81
CA VAL A 149 -8.21 -0.97 22.34
C VAL A 149 -6.92 -1.66 22.74
N SER A 150 -6.90 -2.99 22.70
CA SER A 150 -5.78 -3.76 23.21
C SER A 150 -4.97 -4.39 22.09
N LEU A 151 -3.69 -4.59 22.36
CA LEU A 151 -2.75 -5.14 21.38
C LEU A 151 -2.71 -6.66 21.44
N LEU A 152 -3.55 -7.25 22.28
CA LEU A 152 -3.59 -8.70 22.46
C LEU A 152 -4.64 -9.36 21.55
N PHE A 153 -4.19 -10.29 20.73
CA PHE A 153 -5.06 -10.97 19.77
C PHE A 153 -5.97 -12.00 20.43
N ASP A 154 -5.46 -12.66 21.46
CA ASP A 154 -6.20 -13.74 22.12
C ASP A 154 -7.55 -13.25 22.64
N HIS A 155 -7.56 -12.11 23.32
CA HIS A 155 -8.84 -11.48 23.58
C HIS A 155 -8.94 -10.16 22.83
N LEU A 156 -9.72 -10.20 21.75
CA LEU A 156 -10.05 -9.03 20.95
C LEU A 156 -11.30 -9.36 20.15
N GLU A 157 -12.05 -8.34 19.77
CA GLU A 157 -13.34 -8.54 19.11
C GLU A 157 -13.24 -8.37 17.60
N PRO A 158 -13.79 -9.34 16.84
CA PRO A 158 -13.75 -9.41 15.38
C PRO A 158 -14.11 -8.09 14.71
N GLU A 159 -15.02 -7.33 15.32
CA GLU A 159 -15.36 -6.02 14.80
C GLU A 159 -14.20 -5.04 14.90
N GLU A 160 -13.42 -5.12 15.98
CA GLU A 160 -12.25 -4.27 16.13
C GLU A 160 -11.21 -4.59 15.05
N LEU A 161 -10.93 -5.87 14.88
CA LEU A 161 -10.00 -6.33 13.86
C LEU A 161 -10.44 -5.85 12.48
N SER A 162 -11.69 -6.13 12.13
CA SER A 162 -12.23 -5.71 10.83
C SER A 162 -12.17 -4.19 10.67
N GLU A 163 -12.42 -3.47 11.75
CA GLU A 163 -12.39 -2.01 11.74
C GLU A 163 -11.01 -1.48 11.38
N HIS A 164 -10.00 -1.89 12.14
CA HIS A 164 -8.63 -1.41 11.94
C HIS A 164 -8.03 -1.89 10.62
N LEU A 165 -8.41 -3.09 10.21
CA LEU A 165 -8.03 -3.58 8.89
C LEU A 165 -8.66 -2.71 7.81
N THR A 166 -9.87 -2.24 8.07
CA THR A 166 -10.55 -1.35 7.12
C THR A 166 -9.88 0.02 7.09
N TYR A 167 -9.42 0.49 8.24
CA TYR A 167 -8.66 1.74 8.28
C TYR A 167 -7.43 1.63 7.41
N LEU A 168 -6.68 0.55 7.64
CA LEU A 168 -5.47 0.26 6.87
C LEU A 168 -5.73 0.24 5.37
N GLU A 169 -6.68 -0.61 4.97
CA GLU A 169 -7.04 -0.80 3.57
C GLU A 169 -7.48 0.52 2.95
N PHE A 170 -8.14 1.34 3.75
CA PHE A 170 -8.63 2.59 3.23
C PHE A 170 -7.50 3.57 2.98
N LYS A 171 -6.57 3.70 3.92
CA LYS A 171 -5.40 4.52 3.68
C LYS A 171 -4.65 4.03 2.43
N SER A 172 -4.37 2.73 2.39
CA SER A 172 -3.69 2.12 1.26
C SER A 172 -4.34 2.48 -0.06
N PHE A 173 -5.67 2.35 -0.11
CA PHE A 173 -6.43 2.75 -1.30
C PHE A 173 -6.26 4.24 -1.60
N ARG A 174 -6.45 5.09 -0.59
CA ARG A 174 -6.36 6.54 -0.79
C ARG A 174 -5.05 6.91 -1.47
N ARG A 175 -3.98 6.20 -1.09
CA ARG A 175 -2.66 6.43 -1.71
C ARG A 175 -2.68 6.36 -3.25
N ILE A 176 -3.61 5.59 -3.81
CA ILE A 176 -3.71 5.48 -5.25
C ILE A 176 -4.36 6.72 -5.86
N SER A 177 -3.77 7.24 -6.93
CA SER A 177 -4.20 8.49 -7.53
C SER A 177 -4.57 8.27 -8.99
N PHE A 178 -5.25 9.25 -9.57
CA PHE A 178 -5.70 9.22 -10.95
C PHE A 178 -4.57 8.78 -11.89
N SER A 179 -3.45 9.48 -11.75
CA SER A 179 -2.29 9.27 -12.60
C SER A 179 -1.70 7.88 -12.41
N ASP A 180 -1.96 7.27 -11.25
CA ASP A 180 -1.50 5.91 -11.02
C ASP A 180 -2.30 4.91 -11.84
N TYR A 181 -3.62 5.11 -11.91
CA TYR A 181 -4.47 4.29 -12.77
C TYR A 181 -4.10 4.51 -14.23
N GLN A 182 -3.87 5.75 -14.60
CA GLN A 182 -3.43 6.06 -15.95
C GLN A 182 -2.12 5.34 -16.28
N ASN A 183 -1.19 5.37 -15.35
CA ASN A 183 0.11 4.73 -15.53
C ASN A 183 -0.02 3.21 -15.61
N TYR A 184 -0.90 2.63 -14.81
CA TYR A 184 -1.17 1.21 -14.86
C TYR A 184 -1.79 0.84 -16.19
N LEU A 185 -2.50 1.78 -16.81
CA LEU A 185 -3.08 1.58 -18.13
C LEU A 185 -2.04 1.64 -19.25
N VAL A 186 -1.10 2.58 -19.14
CA VAL A 186 -0.11 2.76 -20.18
C VAL A 186 1.05 1.76 -20.17
N ASN A 187 1.54 1.40 -18.98
CA ASN A 187 2.71 0.53 -18.88
C ASN A 187 2.40 -0.96 -18.87
N SER A 188 1.11 -1.29 -18.87
CA SER A 188 0.64 -2.67 -18.81
C SER A 188 1.19 -3.42 -17.59
N CYS A 189 0.95 -2.86 -16.41
CA CYS A 189 1.28 -3.48 -15.13
C CYS A 189 2.77 -3.73 -14.86
N VAL A 190 3.51 -2.64 -14.67
CA VAL A 190 4.87 -2.70 -14.13
C VAL A 190 4.79 -2.21 -12.69
N LYS A 191 5.70 -2.68 -11.84
CA LYS A 191 5.68 -2.33 -10.42
C LYS A 191 6.32 -0.95 -10.19
N GLU A 192 6.67 -0.30 -11.29
CA GLU A 192 7.15 1.08 -11.28
C GLU A 192 6.29 2.01 -10.43
N ASN A 193 4.96 1.87 -10.54
CA ASN A 193 4.04 2.66 -9.72
C ASN A 193 3.74 2.01 -8.37
N PRO A 194 4.27 2.60 -7.29
CA PRO A 194 4.32 2.01 -5.95
C PRO A 194 2.97 1.79 -5.28
N THR A 195 2.08 2.77 -5.34
CA THR A 195 0.86 2.78 -4.54
C THR A 195 0.05 1.49 -4.67
N MET A 196 -0.13 1.07 -5.91
CA MET A 196 -0.87 -0.15 -6.20
C MET A 196 -0.14 -1.37 -5.66
N GLU A 197 1.18 -1.39 -5.83
CA GLU A 197 2.01 -2.47 -5.32
C GLU A 197 1.80 -2.62 -3.81
N ARG A 198 1.78 -1.49 -3.11
CA ARG A 198 1.52 -1.48 -1.67
C ARG A 198 0.15 -2.06 -1.35
N SER A 199 -0.87 -1.69 -2.12
CA SER A 199 -2.20 -2.30 -1.93
C SER A 199 -2.17 -3.82 -2.14
N ILE A 200 -1.44 -4.26 -3.16
CA ILE A 200 -1.26 -5.68 -3.43
C ILE A 200 -0.62 -6.40 -2.24
N ALA A 201 0.54 -5.91 -1.83
CA ALA A 201 1.23 -6.41 -0.65
C ALA A 201 0.27 -6.52 0.52
N LEU A 202 -0.56 -5.50 0.67
CA LEU A 202 -1.48 -5.44 1.79
C LEU A 202 -2.51 -6.57 1.72
N CYS A 203 -3.02 -6.82 0.53
CA CYS A 203 -4.00 -7.88 0.34
C CYS A 203 -3.39 -9.26 0.59
N ASN A 204 -2.30 -9.55 -0.12
CA ASN A 204 -1.60 -10.82 0.00
C ASN A 204 -1.16 -11.08 1.43
N GLY A 205 -0.62 -10.05 2.05
CA GLY A 205 -0.20 -10.07 3.43
C GLY A 205 -1.33 -10.41 4.37
N ILE A 206 -2.50 -9.84 4.15
CA ILE A 206 -3.66 -10.21 4.95
C ILE A 206 -4.02 -11.68 4.77
N SER A 207 -4.09 -12.13 3.52
CA SER A 207 -4.38 -13.54 3.26
C SER A 207 -3.44 -14.47 4.02
N GLN A 208 -2.13 -14.30 3.79
CA GLN A 208 -1.09 -15.10 4.44
C GLN A 208 -1.11 -14.95 5.95
N TRP A 209 -1.50 -13.78 6.43
CA TRP A 209 -1.65 -13.57 7.86
C TRP A 209 -2.75 -14.47 8.40
N VAL A 210 -3.86 -14.52 7.68
CA VAL A 210 -4.96 -15.42 8.03
C VAL A 210 -4.50 -16.88 8.07
N GLN A 211 -3.87 -17.31 6.98
CA GLN A 211 -3.43 -18.69 6.83
C GLN A 211 -2.39 -19.12 7.87
N LEU A 212 -1.40 -18.26 8.06
CA LEU A 212 -0.35 -18.52 9.02
C LEU A 212 -0.88 -18.42 10.44
N MET A 213 -1.91 -17.60 10.67
CA MET A 213 -2.46 -17.44 12.00
C MET A 213 -3.23 -18.70 12.35
N VAL A 214 -3.95 -19.22 11.38
CA VAL A 214 -4.64 -20.50 11.56
C VAL A 214 -3.63 -21.63 11.82
N LEU A 215 -2.56 -21.68 11.02
CA LEU A 215 -1.57 -22.73 11.19
C LEU A 215 -0.73 -22.57 12.47
N SER A 216 -0.67 -21.34 13.00
CA SER A 216 0.23 -21.02 14.11
C SER A 216 -0.15 -21.73 15.39
N ARG A 217 -1.45 -21.74 15.69
CA ARG A 217 -1.94 -22.40 16.90
C ARG A 217 -1.56 -23.87 16.91
N PRO A 218 -1.46 -24.46 18.12
CA PRO A 218 -1.17 -25.89 18.26
C PRO A 218 -2.22 -26.75 17.57
N THR A 219 -1.86 -28.01 17.39
CA THR A 219 -2.70 -29.00 16.72
C THR A 219 -4.16 -29.12 17.21
N PRO A 220 -4.44 -28.88 18.51
CA PRO A 220 -5.84 -29.11 18.89
C PRO A 220 -6.86 -28.13 18.33
N GLN A 221 -8.05 -28.18 18.91
CA GLN A 221 -9.21 -27.41 18.49
C GLN A 221 -8.91 -25.96 18.13
N LEU A 222 -8.06 -25.32 18.91
CA LEU A 222 -7.87 -23.87 18.89
C LEU A 222 -7.65 -23.25 17.51
N ARG A 223 -7.02 -24.00 16.61
CA ARG A 223 -6.81 -23.50 15.27
C ARG A 223 -8.15 -23.18 14.62
N ALA A 224 -9.10 -24.11 14.74
CA ALA A 224 -10.41 -23.90 14.15
C ALA A 224 -11.21 -22.85 14.92
N GLU A 225 -10.84 -22.61 16.17
CA GLU A 225 -11.41 -21.50 16.90
C GLU A 225 -10.97 -20.18 16.26
N VAL A 226 -9.70 -20.14 15.88
CA VAL A 226 -9.15 -18.99 15.17
C VAL A 226 -9.85 -18.84 13.82
N PHE A 227 -10.11 -19.98 13.18
CA PHE A 227 -10.88 -20.01 11.93
C PHE A 227 -12.24 -19.33 12.12
N ILE A 228 -12.94 -19.72 13.17
CA ILE A 228 -14.23 -19.14 13.50
C ILE A 228 -14.08 -17.63 13.65
N LYS A 229 -13.07 -17.22 14.41
CA LYS A 229 -12.84 -15.80 14.68
C LYS A 229 -12.57 -14.98 13.41
N PHE A 230 -11.86 -15.57 12.45
CA PHE A 230 -11.63 -14.85 11.20
C PHE A 230 -12.89 -14.81 10.34
N ILE A 231 -13.73 -15.84 10.44
CA ILE A 231 -15.01 -15.79 9.72
C ILE A 231 -15.91 -14.70 10.29
N GLN A 232 -15.85 -14.53 11.62
CA GLN A 232 -16.57 -13.44 12.26
C GLN A 232 -16.02 -12.09 11.81
N VAL A 233 -14.69 -11.99 11.76
CA VAL A 233 -14.06 -10.77 11.24
C VAL A 233 -14.58 -10.48 9.84
N ALA A 234 -14.68 -11.53 9.02
CA ALA A 234 -15.20 -11.43 7.66
C ALA A 234 -16.64 -10.90 7.61
N GLN A 235 -17.50 -11.43 8.49
CA GLN A 235 -18.86 -10.94 8.63
C GLN A 235 -18.87 -9.44 8.93
N LYS A 236 -18.10 -9.04 9.93
CA LYS A 236 -18.04 -7.62 10.31
C LYS A 236 -17.52 -6.74 9.19
N LEU A 237 -16.59 -7.28 8.39
CA LEU A 237 -16.08 -6.59 7.21
C LEU A 237 -17.17 -6.41 6.17
N HIS A 238 -18.00 -7.43 6.04
CA HIS A 238 -19.14 -7.38 5.12
C HIS A 238 -20.09 -6.25 5.54
N GLN A 239 -20.52 -6.29 6.81
CA GLN A 239 -21.41 -5.28 7.35
C GLN A 239 -20.80 -3.87 7.32
N LEU A 240 -19.48 -3.79 7.25
CA LEU A 240 -18.80 -2.50 7.16
C LEU A 240 -18.66 -2.09 5.70
N GLN A 241 -19.20 -2.92 4.82
CA GLN A 241 -19.11 -2.71 3.38
C GLN A 241 -17.67 -2.57 2.89
N ASN A 242 -16.75 -3.31 3.50
CA ASN A 242 -15.40 -3.33 3.00
C ASN A 242 -15.20 -4.63 2.24
N PHE A 243 -15.25 -4.55 0.91
CA PHE A 243 -15.26 -5.77 0.11
C PHE A 243 -13.87 -6.35 -0.18
N ASN A 244 -12.86 -5.48 -0.28
CA ASN A 244 -11.51 -5.88 -0.67
C ASN A 244 -10.78 -6.77 0.35
N THR A 245 -10.69 -6.29 1.59
CA THR A 245 -10.09 -7.09 2.63
C THR A 245 -11.02 -8.26 2.99
N LEU A 246 -12.30 -8.14 2.63
CA LEU A 246 -13.23 -9.24 2.82
C LEU A 246 -12.81 -10.39 1.92
N MET A 247 -12.53 -10.03 0.67
CA MET A 247 -11.98 -10.93 -0.33
C MET A 247 -10.64 -11.50 0.11
N ALA A 248 -9.85 -10.68 0.79
CA ALA A 248 -8.56 -11.13 1.29
C ALA A 248 -8.69 -12.22 2.34
N VAL A 249 -9.49 -11.97 3.38
CA VAL A 249 -9.60 -12.93 4.48
C VAL A 249 -10.35 -14.20 4.07
N ILE A 250 -11.40 -14.07 3.26
CA ILE A 250 -12.10 -15.24 2.79
C ILE A 250 -11.20 -16.03 1.84
N GLY A 251 -10.50 -15.30 0.97
CA GLY A 251 -9.56 -15.90 0.04
C GLY A 251 -8.45 -16.66 0.75
N GLY A 252 -8.12 -16.21 1.95
CA GLY A 252 -7.14 -16.89 2.78
C GLY A 252 -7.74 -18.10 3.47
N LEU A 253 -8.99 -17.97 3.91
CA LEU A 253 -9.66 -19.08 4.58
C LEU A 253 -9.99 -20.21 3.61
N CYS A 254 -10.15 -19.87 2.34
CA CYS A 254 -10.51 -20.87 1.33
C CYS A 254 -9.31 -21.44 0.59
N HIS A 255 -8.12 -21.00 0.98
CA HIS A 255 -6.92 -21.47 0.31
C HIS A 255 -6.76 -22.97 0.52
N SER A 256 -6.06 -23.61 -0.41
CA SER A 256 -5.91 -25.06 -0.43
C SER A 256 -5.23 -25.59 0.82
N SER A 257 -4.27 -24.83 1.35
CA SER A 257 -3.50 -25.27 2.50
C SER A 257 -4.33 -25.26 3.77
N ILE A 258 -5.22 -24.29 3.90
CA ILE A 258 -6.12 -24.22 5.05
C ILE A 258 -7.33 -25.13 4.87
N SER A 259 -7.71 -25.35 3.62
CA SER A 259 -8.84 -26.21 3.28
C SER A 259 -8.49 -27.69 3.45
N ARG A 260 -7.21 -28.01 3.48
CA ARG A 260 -6.75 -29.40 3.57
C ARG A 260 -6.69 -29.91 4.99
N LEU A 261 -7.11 -29.08 5.95
CA LEU A 261 -7.12 -29.52 7.32
C LEU A 261 -8.50 -30.08 7.57
N LYS A 262 -8.61 -31.40 7.61
CA LYS A 262 -9.91 -31.99 7.82
C LYS A 262 -10.27 -32.08 9.30
N GLU A 263 -9.28 -32.37 10.14
CA GLU A 263 -9.49 -32.51 11.58
C GLU A 263 -10.11 -31.24 12.20
N THR A 264 -9.57 -30.10 11.81
CA THR A 264 -10.10 -28.81 12.25
C THR A 264 -11.53 -28.59 11.74
N SER A 265 -11.76 -28.85 10.46
CA SER A 265 -13.09 -28.71 9.86
C SER A 265 -14.11 -29.57 10.61
N SER A 266 -13.72 -30.79 10.94
CA SER A 266 -14.60 -31.74 11.57
C SER A 266 -14.83 -31.38 13.02
N HIS A 267 -13.91 -30.61 13.57
CA HIS A 267 -13.96 -30.27 14.99
C HIS A 267 -15.05 -29.27 15.40
N VAL A 268 -15.31 -28.33 14.50
CA VAL A 268 -16.02 -27.09 14.78
C VAL A 268 -17.22 -26.70 13.89
N PRO A 269 -17.93 -25.57 14.34
CA PRO A 269 -19.38 -25.60 14.10
C PRO A 269 -19.89 -25.40 12.68
N HIS A 270 -21.17 -25.69 12.49
CA HIS A 270 -21.79 -25.67 11.15
C HIS A 270 -22.23 -24.26 10.70
N GLU A 271 -22.97 -23.55 11.56
CA GLU A 271 -23.55 -22.24 11.21
C GLU A 271 -22.52 -21.46 10.44
N ILE A 272 -21.31 -21.48 10.97
CA ILE A 272 -20.16 -20.85 10.33
C ILE A 272 -19.91 -21.40 8.95
N ASN A 273 -19.81 -22.72 8.80
CA ASN A 273 -19.52 -23.27 7.48
C ASN A 273 -20.58 -22.84 6.46
N LYS A 274 -21.81 -22.68 6.91
CA LYS A 274 -22.88 -22.15 6.06
C LYS A 274 -22.54 -20.73 5.67
N VAL A 275 -22.10 -19.95 6.66
CA VAL A 275 -21.68 -18.57 6.43
C VAL A 275 -20.50 -18.46 5.46
N LEU A 276 -19.60 -19.43 5.51
CA LEU A 276 -18.44 -19.48 4.65
C LEU A 276 -18.90 -19.80 3.25
N GLY A 277 -19.89 -20.68 3.14
CA GLY A 277 -20.48 -20.99 1.86
C GLY A 277 -21.08 -19.74 1.26
N GLU A 278 -21.75 -18.97 2.10
CA GLU A 278 -22.36 -17.72 1.66
C GLU A 278 -21.30 -16.73 1.19
N MET A 279 -20.19 -16.65 1.92
CA MET A 279 -19.12 -15.72 1.58
C MET A 279 -18.46 -16.11 0.27
N THR A 280 -18.31 -17.42 0.05
CA THR A 280 -17.71 -17.88 -1.20
C THR A 280 -18.62 -17.58 -2.36
N GLU A 281 -19.87 -18.04 -2.27
CA GLU A 281 -20.85 -17.82 -3.34
C GLU A 281 -20.98 -16.32 -3.67
N LEU A 282 -21.04 -15.49 -2.64
CA LEU A 282 -20.99 -14.03 -2.84
C LEU A 282 -19.74 -13.63 -3.61
N LEU A 283 -18.57 -13.87 -3.02
CA LEU A 283 -17.31 -13.44 -3.62
C LEU A 283 -16.90 -14.24 -4.85
N SER A 284 -17.66 -15.29 -5.17
CA SER A 284 -17.28 -16.15 -6.28
C SER A 284 -17.25 -15.46 -7.65
N SER A 285 -16.37 -15.98 -8.51
CA SER A 285 -15.98 -15.31 -9.73
C SER A 285 -16.81 -15.73 -10.93
N SER A 286 -17.92 -16.40 -10.70
CA SER A 286 -18.69 -16.87 -11.83
C SER A 286 -19.01 -15.66 -12.66
N ARG A 287 -18.81 -15.81 -13.95
CA ARG A 287 -18.53 -14.68 -14.79
C ARG A 287 -19.66 -13.70 -14.81
N ASN A 288 -19.30 -12.46 -14.55
CA ASN A 288 -18.06 -12.26 -13.78
C ASN A 288 -18.29 -11.46 -12.49
N TYR A 289 -18.19 -12.17 -11.37
CA TYR A 289 -18.39 -11.55 -10.05
C TYR A 289 -19.73 -10.81 -9.96
N ASP A 290 -20.73 -11.26 -10.72
CA ASP A 290 -22.00 -10.52 -10.79
C ASP A 290 -22.64 -10.38 -9.41
N ASN A 291 -22.53 -11.42 -8.59
CA ASN A 291 -22.99 -11.36 -7.21
C ASN A 291 -22.36 -10.19 -6.47
N TYR A 292 -21.05 -10.06 -6.62
CA TYR A 292 -20.34 -8.93 -6.03
C TYR A 292 -20.74 -7.62 -6.70
N ARG A 293 -21.04 -7.66 -7.99
CA ARG A 293 -21.40 -6.43 -8.70
C ARG A 293 -22.70 -5.85 -8.18
N ARG A 294 -23.70 -6.69 -8.01
CA ARG A 294 -24.99 -6.26 -7.48
C ARG A 294 -24.93 -5.97 -5.97
N ALA A 295 -24.14 -6.75 -5.25
CA ALA A 295 -23.93 -6.50 -3.82
C ALA A 295 -23.34 -5.11 -3.63
N TYR A 296 -22.33 -4.81 -4.42
CA TYR A 296 -21.66 -3.52 -4.41
C TYR A 296 -22.58 -2.43 -4.93
N GLY A 297 -23.55 -2.82 -5.77
CA GLY A 297 -24.50 -1.87 -6.32
C GLY A 297 -25.47 -1.32 -5.28
N GLU A 298 -25.90 -2.18 -4.38
CA GLU A 298 -26.85 -1.78 -3.34
C GLU A 298 -26.19 -0.98 -2.22
N CYS A 299 -24.88 -0.86 -2.30
CA CYS A 299 -24.13 -0.21 -1.23
C CYS A 299 -24.10 1.31 -1.33
N THR A 300 -24.41 1.95 -0.21
CA THR A 300 -24.47 3.41 -0.13
C THR A 300 -23.44 3.96 0.86
N ASP A 301 -22.98 5.17 0.58
CA ASP A 301 -21.93 5.85 1.34
C ASP A 301 -20.59 5.15 1.28
N PHE A 302 -20.04 4.81 2.45
CA PHE A 302 -18.70 4.24 2.53
C PHE A 302 -18.63 2.82 1.97
N LYS A 303 -17.69 2.61 1.04
CA LYS A 303 -17.52 1.32 0.39
C LYS A 303 -16.08 1.13 -0.08
N ILE A 304 -15.67 -0.13 -0.27
CA ILE A 304 -14.36 -0.41 -0.85
C ILE A 304 -14.49 -1.36 -2.05
N PRO A 305 -13.77 -1.05 -3.14
CA PRO A 305 -14.03 -1.61 -4.48
C PRO A 305 -13.74 -3.09 -4.78
N ILE A 306 -12.80 -3.75 -4.10
CA ILE A 306 -12.15 -4.93 -4.68
C ILE A 306 -11.59 -4.47 -6.01
N LEU A 307 -10.53 -3.66 -5.95
CA LEU A 307 -10.09 -2.95 -7.13
C LEU A 307 -9.50 -3.84 -8.22
N GLY A 308 -9.33 -5.12 -7.90
CA GLY A 308 -8.86 -6.08 -8.88
C GLY A 308 -9.77 -6.13 -10.09
N VAL A 309 -11.05 -6.45 -9.87
CA VAL A 309 -11.97 -6.59 -10.99
C VAL A 309 -12.18 -5.26 -11.70
N HIS A 310 -12.09 -4.17 -10.95
CA HIS A 310 -12.24 -2.84 -11.52
C HIS A 310 -11.07 -2.49 -12.42
N LEU A 311 -9.88 -2.93 -12.03
CA LEU A 311 -8.72 -2.73 -12.88
C LEU A 311 -8.77 -3.61 -14.12
N LYS A 312 -9.31 -4.81 -13.98
CA LYS A 312 -9.57 -5.62 -15.16
C LYS A 312 -10.52 -4.87 -16.09
N ASP A 313 -11.52 -4.20 -15.50
CA ASP A 313 -12.46 -3.41 -16.28
C ASP A 313 -11.74 -2.28 -17.02
N LEU A 314 -10.83 -1.61 -16.33
CA LEU A 314 -10.06 -0.51 -16.92
C LEU A 314 -9.20 -0.98 -18.07
N ILE A 315 -8.52 -2.11 -17.87
CA ILE A 315 -7.68 -2.71 -18.90
C ILE A 315 -8.51 -3.09 -20.13
N SER A 316 -9.63 -3.76 -19.89
CA SER A 316 -10.54 -4.15 -20.96
C SER A 316 -11.00 -2.93 -21.74
N LEU A 317 -11.27 -1.84 -21.04
CA LEU A 317 -11.65 -0.59 -21.70
C LEU A 317 -10.51 -0.06 -22.56
N TYR A 318 -9.31 -0.07 -22.00
CA TYR A 318 -8.13 0.45 -22.69
C TYR A 318 -7.84 -0.32 -23.97
N GLU A 319 -8.00 -1.64 -23.91
CA GLU A 319 -7.71 -2.50 -25.03
C GLU A 319 -8.82 -2.46 -26.08
N ALA A 320 -10.05 -2.28 -25.63
CA ALA A 320 -11.18 -2.18 -26.54
C ALA A 320 -11.01 -1.04 -27.54
N MET A 321 -10.86 0.18 -27.03
CA MET A 321 -10.81 1.38 -27.87
C MET A 321 -9.41 1.74 -28.33
N PRO A 322 -9.29 2.15 -29.61
CA PRO A 322 -8.02 2.59 -30.20
C PRO A 322 -7.61 3.94 -29.62
N ASP A 323 -6.34 4.09 -29.25
CA ASP A 323 -5.87 5.34 -28.67
C ASP A 323 -6.05 6.48 -29.67
N TYR A 324 -5.38 6.36 -30.80
CA TYR A 324 -5.52 7.33 -31.86
C TYR A 324 -6.48 6.77 -32.89
N LEU A 325 -7.39 7.62 -33.35
CA LEU A 325 -8.38 7.19 -34.31
C LEU A 325 -7.78 7.10 -35.71
N GLU A 326 -8.40 6.32 -36.57
CA GLU A 326 -7.93 6.14 -37.95
C GLU A 326 -7.92 7.45 -38.74
N ASP A 327 -8.66 8.44 -38.25
CA ASP A 327 -8.73 9.74 -38.92
C ASP A 327 -7.47 10.57 -38.66
N GLY A 328 -6.63 10.08 -37.75
CA GLY A 328 -5.39 10.77 -37.40
C GLY A 328 -5.57 11.64 -36.17
N LYS A 329 -6.81 11.78 -35.72
CA LYS A 329 -7.13 12.62 -34.59
C LYS A 329 -7.15 11.82 -33.29
N VAL A 330 -7.38 12.50 -32.17
CA VAL A 330 -7.41 11.83 -30.86
C VAL A 330 -8.80 11.30 -30.57
N ASN A 331 -8.87 10.04 -30.16
CA ASN A 331 -10.15 9.45 -29.83
C ASN A 331 -10.52 9.93 -28.45
N VAL A 332 -11.57 10.74 -28.36
CA VAL A 332 -11.92 11.31 -27.08
C VAL A 332 -12.93 10.43 -26.36
N HIS A 333 -13.51 9.49 -27.09
CA HIS A 333 -14.48 8.60 -26.50
C HIS A 333 -13.77 7.76 -25.47
N LYS A 334 -12.57 7.33 -25.83
CA LYS A 334 -11.73 6.53 -24.94
C LYS A 334 -11.37 7.31 -23.68
N LEU A 335 -10.86 8.51 -23.86
CA LEU A 335 -10.45 9.36 -22.75
C LEU A 335 -11.63 9.65 -21.82
N LEU A 336 -12.80 9.87 -22.41
CA LEU A 336 -14.02 10.11 -21.64
C LEU A 336 -14.40 8.88 -20.82
N ALA A 337 -14.35 7.70 -21.44
CA ALA A 337 -14.73 6.47 -20.75
C ALA A 337 -13.81 6.15 -19.58
N LEU A 338 -12.51 6.26 -19.83
CA LEU A 338 -11.52 5.98 -18.80
C LEU A 338 -11.60 7.00 -17.69
N TYR A 339 -11.86 8.24 -18.07
CA TYR A 339 -12.02 9.29 -17.10
C TYR A 339 -13.21 8.98 -16.21
N ASN A 340 -14.30 8.53 -16.81
CA ASN A 340 -15.50 8.22 -16.06
C ASN A 340 -15.28 7.11 -15.06
N HIS A 341 -14.68 6.02 -15.52
CA HIS A 341 -14.39 4.89 -14.64
C HIS A 341 -13.41 5.25 -13.50
N ILE A 342 -12.26 5.82 -13.86
CA ILE A 342 -11.27 6.21 -12.87
C ILE A 342 -11.81 7.25 -11.89
N SER A 343 -12.59 8.20 -12.39
CA SER A 343 -13.19 9.23 -11.55
C SER A 343 -14.15 8.58 -10.57
N GLU A 344 -14.93 7.63 -11.08
CA GLU A 344 -15.82 6.84 -10.24
C GLU A 344 -15.05 6.19 -9.09
N LEU A 345 -13.87 5.65 -9.38
CA LEU A 345 -13.05 5.03 -8.32
C LEU A 345 -12.51 6.04 -7.30
N VAL A 346 -11.85 7.08 -7.79
CA VAL A 346 -11.28 8.12 -6.93
C VAL A 346 -12.36 8.77 -6.06
N GLN A 347 -13.58 8.81 -6.57
CA GLN A 347 -14.73 9.37 -5.86
C GLN A 347 -14.85 8.79 -4.45
N LEU A 348 -14.55 7.51 -4.35
CA LEU A 348 -14.69 6.77 -3.09
C LEU A 348 -13.86 7.35 -1.94
N GLN A 349 -12.63 7.75 -2.25
CA GLN A 349 -11.69 8.19 -1.22
C GLN A 349 -12.10 9.48 -0.51
N GLU A 350 -13.14 10.13 -1.03
CA GLU A 350 -13.66 11.35 -0.43
C GLU A 350 -14.37 11.08 0.90
N VAL A 351 -15.12 9.99 0.98
CA VAL A 351 -15.81 9.65 2.22
C VAL A 351 -14.94 8.82 3.16
N ALA A 352 -14.69 9.38 4.35
CA ALA A 352 -13.87 8.73 5.35
C ALA A 352 -14.65 7.60 6.00
N PRO A 353 -13.94 6.55 6.45
CA PRO A 353 -14.55 5.42 7.14
C PRO A 353 -15.25 5.88 8.42
N PRO A 354 -16.31 5.16 8.82
CA PRO A 354 -17.12 5.48 10.00
C PRO A 354 -16.37 5.53 11.32
N LEU A 355 -15.24 4.84 11.52
CA LEU A 355 -14.85 4.67 12.92
C LEU A 355 -13.43 4.34 13.40
N GLU A 356 -13.25 4.55 14.71
CA GLU A 356 -12.26 3.91 15.58
C GLU A 356 -10.75 3.98 15.24
N ALA A 357 -10.24 5.16 14.94
CA ALA A 357 -8.82 5.25 14.63
C ALA A 357 -7.97 5.06 15.89
N ASN A 358 -7.22 3.96 15.94
CA ASN A 358 -6.23 3.73 17.00
C ASN A 358 -4.91 3.30 16.37
N LYS A 359 -3.88 4.12 16.54
CA LYS A 359 -2.67 3.93 15.75
C LYS A 359 -1.65 2.95 16.30
N ASP A 360 -1.81 2.54 17.56
CA ASP A 360 -0.92 1.51 18.10
C ASP A 360 -1.28 0.15 17.52
N LEU A 361 -2.57 -0.16 17.54
CA LEU A 361 -3.09 -1.36 16.88
C LEU A 361 -2.80 -1.30 15.38
N VAL A 362 -2.79 -0.10 14.83
CA VAL A 362 -2.48 0.08 13.41
C VAL A 362 -1.00 -0.26 13.18
N HIS A 363 -0.15 0.19 14.08
CA HIS A 363 1.28 -0.12 14.01
C HIS A 363 1.54 -1.63 14.08
N LEU A 364 0.85 -2.25 15.03
CA LEU A 364 0.91 -3.69 15.20
C LEU A 364 0.45 -4.42 13.96
N LEU A 365 -0.63 -3.97 13.33
CA LEU A 365 -1.15 -4.65 12.15
C LEU A 365 -0.34 -4.40 10.90
N THR A 366 0.12 -3.16 10.71
CA THR A 366 1.00 -2.84 9.60
C THR A 366 2.26 -3.70 9.68
N LEU A 367 2.77 -3.95 10.89
CA LEU A 367 3.91 -4.87 11.04
C LEU A 367 3.53 -6.35 10.90
N SER A 368 2.35 -6.71 11.38
CA SER A 368 1.86 -8.08 11.31
C SER A 368 1.75 -8.52 9.86
N LEU A 369 1.22 -7.59 9.05
CA LEU A 369 0.83 -7.87 7.69
C LEU A 369 1.95 -7.81 6.65
N ASP A 370 3.18 -7.58 7.07
CA ASP A 370 4.25 -7.66 6.09
C ASP A 370 4.68 -9.12 6.10
N LEU A 371 4.30 -9.85 5.06
CA LEU A 371 4.61 -11.27 4.95
C LEU A 371 4.89 -11.60 3.50
N TYR A 372 6.01 -12.26 3.25
CA TYR A 372 6.28 -12.76 1.92
C TYR A 372 6.68 -14.22 1.95
N TYR A 373 5.79 -15.08 1.51
CA TYR A 373 5.96 -16.52 1.63
C TYR A 373 5.68 -17.23 0.32
N THR A 374 6.39 -18.33 0.10
CA THR A 374 6.11 -19.20 -1.02
C THR A 374 4.83 -19.97 -0.71
N GLU A 375 4.00 -20.15 -1.72
CA GLU A 375 2.87 -21.05 -1.62
C GLU A 375 3.37 -22.41 -1.12
N ASP A 376 4.49 -22.86 -1.67
CA ASP A 376 5.06 -24.15 -1.30
C ASP A 376 5.46 -24.24 0.18
N GLU A 377 5.92 -23.13 0.74
CA GLU A 377 6.28 -23.09 2.16
C GLU A 377 5.06 -23.31 3.04
N ILE A 378 4.01 -22.54 2.77
CA ILE A 378 2.73 -22.65 3.48
C ILE A 378 2.10 -24.03 3.29
N TYR A 379 2.24 -24.60 2.10
CA TYR A 379 1.78 -25.96 1.88
C TYR A 379 2.59 -26.94 2.72
N GLU A 380 3.87 -26.65 2.92
CA GLU A 380 4.70 -27.51 3.76
C GLU A 380 4.38 -27.40 5.25
N LEU A 381 4.02 -26.21 5.71
CA LEU A 381 3.58 -26.03 7.08
C LEU A 381 2.23 -26.72 7.31
N SER A 382 1.30 -26.45 6.40
CA SER A 382 -0.03 -27.06 6.48
C SER A 382 0.07 -28.58 6.43
N TYR A 383 0.94 -29.09 5.57
CA TYR A 383 1.12 -30.53 5.42
C TYR A 383 1.80 -31.10 6.66
N ALA A 384 2.72 -30.34 7.22
CA ALA A 384 3.44 -30.75 8.43
C ALA A 384 2.46 -30.87 9.60
N ARG A 385 1.46 -30.00 9.62
CA ARG A 385 0.46 -30.06 10.68
C ARG A 385 -0.63 -31.11 10.40
N GLU A 386 -0.87 -31.39 9.11
CA GLU A 386 -1.92 -32.36 8.74
C GLU A 386 -1.40 -33.39 7.74
N PRO A 387 -0.88 -34.52 8.26
CA PRO A 387 -0.20 -35.52 7.42
C PRO A 387 -1.14 -36.23 6.44
N ARG A 388 -0.69 -36.37 5.19
CA ARG A 388 -1.32 -37.23 4.19
C ARG A 388 -0.43 -37.35 2.95
N PRO A 401 -12.62 -22.23 -4.30
CA PRO A 401 -11.55 -21.52 -5.00
C PRO A 401 -11.92 -20.07 -5.26
N VAL A 402 -11.84 -19.23 -4.22
CA VAL A 402 -12.13 -17.81 -4.40
C VAL A 402 -10.83 -17.01 -4.38
N VAL A 403 -10.42 -16.53 -5.55
CA VAL A 403 -9.08 -16.02 -5.72
C VAL A 403 -9.04 -14.51 -5.66
N VAL A 404 -8.23 -14.00 -4.74
CA VAL A 404 -8.04 -12.56 -4.56
C VAL A 404 -7.54 -11.90 -5.84
N ASP A 405 -6.87 -12.70 -6.66
CA ASP A 405 -6.15 -12.24 -7.85
C ASP A 405 -7.11 -11.79 -8.97
N TRP A 406 -6.82 -10.70 -9.70
CA TRP A 406 -5.66 -9.80 -9.52
C TRP A 406 -4.33 -10.53 -9.71
N ALA A 407 -4.29 -11.37 -10.74
CA ALA A 407 -3.20 -12.33 -10.93
C ALA A 407 -1.84 -11.68 -11.06
N SER A 408 -0.91 -12.08 -10.21
CA SER A 408 0.41 -11.48 -10.25
C SER A 408 1.29 -12.21 -11.24
N GLY A 409 1.71 -11.49 -12.28
CA GLY A 409 2.71 -11.99 -13.20
C GLY A 409 4.03 -11.80 -12.49
N VAL A 410 4.00 -10.91 -11.50
CA VAL A 410 5.14 -10.62 -10.65
C VAL A 410 4.65 -10.40 -9.22
N SER A 411 5.27 -11.10 -8.27
CA SER A 411 4.94 -10.94 -6.86
C SER A 411 5.56 -9.65 -6.34
N PRO A 412 4.92 -9.02 -5.35
CA PRO A 412 5.44 -7.80 -4.75
C PRO A 412 6.63 -8.10 -3.84
N LYS A 413 7.56 -7.16 -3.73
CA LYS A 413 8.74 -7.33 -2.89
C LYS A 413 8.83 -6.27 -1.80
N PRO A 414 9.42 -6.63 -0.63
CA PRO A 414 9.50 -5.79 0.56
C PRO A 414 10.59 -4.70 0.53
N ASP A 415 10.29 -3.56 1.13
CA ASP A 415 11.21 -2.43 1.16
C ASP A 415 11.71 -2.27 2.60
N PRO A 416 13.01 -2.49 2.82
CA PRO A 416 13.62 -2.42 4.16
C PRO A 416 13.31 -1.12 4.91
N LYS A 417 13.07 -0.03 4.19
CA LYS A 417 12.81 1.25 4.84
C LYS A 417 11.48 1.26 5.59
N THR A 418 10.42 0.88 4.88
CA THR A 418 9.08 0.85 5.46
C THR A 418 9.00 -0.20 6.56
N ILE A 419 9.73 -1.28 6.41
CA ILE A 419 9.74 -2.33 7.42
C ILE A 419 10.53 -1.94 8.67
N SER A 420 11.63 -1.21 8.48
CA SER A 420 12.40 -0.70 9.61
C SER A 420 11.59 0.35 10.38
N LYS A 421 10.88 1.19 9.64
CA LYS A 421 9.98 2.15 10.27
C LYS A 421 8.87 1.40 11.00
N HIS A 422 8.35 0.35 10.38
CA HIS A 422 7.28 -0.44 10.96
C HIS A 422 7.70 -0.97 12.32
N VAL A 423 8.81 -1.71 12.35
CA VAL A 423 9.36 -2.16 13.63
C VAL A 423 9.55 -1.01 14.63
N GLN A 424 10.13 0.10 14.19
CA GLN A 424 10.34 1.24 15.09
C GLN A 424 9.06 1.68 15.77
N ARG A 425 8.01 1.87 14.96
CA ARG A 425 6.71 2.34 15.42
C ARG A 425 6.02 1.32 16.31
N MET A 426 6.17 0.05 15.97
CA MET A 426 5.65 -1.06 16.75
C MET A 426 6.24 -1.08 18.16
N VAL A 427 7.56 -0.98 18.23
CA VAL A 427 8.25 -0.91 19.51
C VAL A 427 7.82 0.31 20.30
N ASP A 428 7.82 1.47 19.66
CA ASP A 428 7.42 2.69 20.36
C ASP A 428 6.02 2.56 20.94
N SER A 429 5.10 1.99 20.16
CA SER A 429 3.71 1.81 20.61
C SER A 429 3.55 0.78 21.73
N VAL A 430 4.15 -0.40 21.58
CA VAL A 430 4.07 -1.41 22.64
C VAL A 430 4.76 -0.89 23.90
N PHE A 431 5.74 0.00 23.72
CA PHE A 431 6.40 0.66 24.83
C PHE A 431 5.44 1.61 25.55
N LYS A 432 4.87 2.57 24.82
CA LYS A 432 3.94 3.53 25.42
C LYS A 432 2.74 2.84 26.07
N ASN A 433 2.15 1.88 25.38
CA ASN A 433 0.97 1.21 25.88
C ASN A 433 1.23 0.24 27.06
N TYR A 434 2.10 -0.74 26.84
CA TYR A 434 2.24 -1.85 27.81
C TYR A 434 3.39 -1.80 28.82
N ASP A 435 4.21 -0.75 28.78
CA ASP A 435 5.34 -0.66 29.72
C ASP A 435 4.92 -0.19 31.11
N HIS A 436 3.96 0.74 31.14
CA HIS A 436 3.47 1.33 32.38
C HIS A 436 4.54 2.16 33.09
N ASP A 437 5.48 2.69 32.30
CA ASP A 437 6.60 3.47 32.82
C ASP A 437 7.36 2.68 33.88
N GLN A 438 7.38 1.36 33.71
CA GLN A 438 8.01 0.48 34.67
C GLN A 438 9.27 -0.15 34.08
N ASP A 439 10.41 0.30 34.58
CA ASP A 439 11.71 -0.09 34.08
C ASP A 439 11.82 0.19 32.59
N GLY A 440 12.49 -0.71 31.88
CA GLY A 440 12.48 -0.76 30.42
C GLY A 440 11.78 -2.02 29.95
N TYR A 441 11.04 -2.66 30.86
CA TYR A 441 10.57 -4.02 30.65
C TYR A 441 9.05 -4.18 30.71
N ILE A 442 8.56 -5.22 30.07
CA ILE A 442 7.18 -5.65 30.23
C ILE A 442 7.16 -7.14 30.56
N SER A 443 6.09 -7.60 31.20
CA SER A 443 6.00 -9.00 31.60
C SER A 443 5.90 -9.92 30.38
N GLN A 444 6.59 -11.06 30.45
CA GLN A 444 6.61 -11.99 29.33
C GLN A 444 5.27 -12.65 29.04
N GLU A 445 4.34 -12.57 29.98
CA GLU A 445 3.02 -13.12 29.75
C GLU A 445 2.29 -12.28 28.71
N GLU A 446 2.21 -10.98 28.97
CA GLU A 446 1.60 -10.03 28.05
C GLU A 446 2.32 -10.03 26.71
N PHE A 447 3.64 -10.14 26.76
CA PHE A 447 4.47 -10.21 25.57
C PHE A 447 4.14 -11.45 24.76
N GLU A 448 3.95 -12.59 25.45
CA GLU A 448 3.61 -13.84 24.78
C GLU A 448 2.27 -13.67 24.09
N LYS A 449 1.35 -13.01 24.79
CA LYS A 449 0.02 -12.76 24.25
C LYS A 449 0.05 -11.87 23.02
N ILE A 450 0.95 -10.90 23.00
CA ILE A 450 1.16 -10.08 21.82
C ILE A 450 1.80 -10.91 20.71
N ALA A 451 2.70 -11.81 21.10
CA ALA A 451 3.40 -12.68 20.18
C ALA A 451 2.43 -13.63 19.49
N ALA A 452 1.34 -13.93 20.18
CA ALA A 452 0.31 -14.81 19.64
C ALA A 452 -0.18 -14.21 18.35
N SER A 453 -0.25 -12.89 18.32
CA SER A 453 -0.67 -12.15 17.14
C SER A 453 0.39 -12.14 16.04
N PHE A 454 1.57 -12.68 16.31
CA PHE A 454 2.56 -12.88 15.24
C PHE A 454 2.84 -14.36 15.06
N PRO A 455 2.29 -14.97 14.00
CA PRO A 455 2.37 -16.41 13.81
C PRO A 455 3.79 -16.91 13.64
N PHE A 456 4.11 -18.04 14.26
CA PHE A 456 5.41 -18.71 14.09
C PHE A 456 6.61 -17.78 14.32
N SER A 457 6.50 -16.91 15.32
CA SER A 457 7.53 -15.91 15.57
C SER A 457 8.36 -16.26 16.80
N PHE A 458 9.67 -16.35 16.61
CA PHE A 458 10.59 -16.65 17.70
C PHE A 458 11.96 -16.04 17.42
N CYS A 459 12.68 -15.67 18.46
CA CYS A 459 14.02 -15.13 18.29
C CYS A 459 14.96 -15.65 19.36
N VAL A 460 16.14 -16.08 18.94
CA VAL A 460 17.12 -16.58 19.90
C VAL A 460 17.79 -15.44 20.65
N MET A 461 17.66 -15.48 21.96
CA MET A 461 18.25 -14.48 22.84
C MET A 461 18.37 -15.09 24.21
N ASP A 462 19.12 -14.44 25.08
CA ASP A 462 18.97 -14.67 26.51
C ASP A 462 18.67 -13.34 27.20
N LYS A 463 17.96 -13.41 28.32
CA LYS A 463 17.28 -12.25 28.87
C LYS A 463 17.98 -11.66 30.11
N ASP A 464 17.88 -10.35 30.26
CA ASP A 464 18.40 -9.66 31.43
C ASP A 464 17.75 -10.22 32.69
N ARG A 465 16.43 -10.25 32.68
CA ARG A 465 15.66 -10.69 33.84
C ARG A 465 14.71 -11.82 33.48
N GLU A 466 14.45 -12.71 34.43
CA GLU A 466 13.48 -13.76 34.21
C GLU A 466 12.09 -13.14 34.23
N GLY A 467 11.33 -13.34 33.16
CA GLY A 467 9.98 -12.82 33.07
C GLY A 467 9.91 -11.35 32.74
N LEU A 468 11.02 -10.78 32.26
CA LEU A 468 11.03 -9.39 31.78
C LEU A 468 11.82 -9.25 30.49
N ILE A 469 11.35 -8.35 29.62
CA ILE A 469 11.92 -8.17 28.29
C ILE A 469 12.41 -6.75 28.06
N SER A 470 13.67 -6.60 27.68
CA SER A 470 14.25 -5.29 27.40
C SER A 470 13.62 -4.67 26.15
N ARG A 471 13.75 -3.36 26.02
CA ARG A 471 13.35 -2.67 24.81
C ARG A 471 14.21 -3.13 23.62
N ASP A 472 15.50 -3.31 23.86
CA ASP A 472 16.41 -3.82 22.83
C ASP A 472 16.07 -5.27 22.53
N GLU A 473 15.58 -5.96 23.56
CA GLU A 473 15.20 -7.36 23.45
C GLU A 473 13.95 -7.53 22.57
N ILE A 474 12.94 -6.68 22.79
CA ILE A 474 11.72 -6.74 22.00
C ILE A 474 11.98 -6.23 20.58
N THR A 475 12.85 -5.21 20.47
CA THR A 475 13.29 -4.74 19.15
C THR A 475 13.97 -5.88 18.41
N ALA A 476 14.68 -6.71 19.17
CA ALA A 476 15.33 -7.89 18.61
C ALA A 476 14.28 -8.84 18.07
N TYR A 477 13.34 -9.20 18.93
CA TYR A 477 12.27 -10.13 18.58
C TYR A 477 11.54 -9.71 17.31
N PHE A 478 11.09 -8.45 17.27
CA PHE A 478 10.34 -7.98 16.10
C PHE A 478 11.22 -7.82 14.87
N MET A 479 12.47 -7.47 15.05
CA MET A 479 13.39 -7.34 13.92
C MET A 479 13.70 -8.70 13.28
N ARG A 480 13.87 -9.71 14.12
CA ARG A 480 14.04 -11.09 13.66
C ARG A 480 12.76 -11.57 12.97
N ALA A 481 11.62 -11.29 13.58
CA ALA A 481 10.34 -11.69 13.02
C ALA A 481 10.17 -11.10 11.62
N SER A 482 10.41 -9.80 11.52
CA SER A 482 10.31 -9.10 10.25
C SER A 482 11.35 -9.60 9.26
N SER A 483 12.52 -9.99 9.77
CA SER A 483 13.60 -10.47 8.92
C SER A 483 13.21 -11.79 8.27
N ILE A 484 12.57 -12.65 9.05
CA ILE A 484 12.09 -13.92 8.50
C ILE A 484 10.91 -13.71 7.56
N TYR A 485 9.94 -12.88 8.00
CA TYR A 485 8.73 -12.63 7.23
C TYR A 485 8.99 -12.06 5.85
N SER A 486 9.78 -11.00 5.78
CA SER A 486 10.05 -10.33 4.51
C SER A 486 11.16 -11.03 3.73
N LYS A 487 11.70 -12.10 4.32
CA LYS A 487 12.82 -12.83 3.73
C LYS A 487 14.01 -11.92 3.43
N LEU A 488 14.15 -10.89 4.26
CA LEU A 488 15.27 -9.96 4.17
C LEU A 488 16.12 -10.08 5.43
N GLY A 489 17.32 -10.61 5.28
CA GLY A 489 18.26 -10.63 6.38
C GLY A 489 18.71 -9.22 6.70
N LEU A 490 18.53 -8.80 7.94
CA LEU A 490 18.93 -7.46 8.32
C LEU A 490 19.35 -7.41 9.78
N GLY A 491 20.39 -6.62 10.08
CA GLY A 491 20.89 -6.54 11.44
C GLY A 491 21.81 -5.36 11.65
N PHE A 492 22.00 -4.98 12.91
CA PHE A 492 22.85 -3.85 13.23
C PHE A 492 24.32 -4.17 12.94
N PRO A 493 25.06 -3.18 12.43
CA PRO A 493 26.46 -3.40 12.08
C PRO A 493 27.36 -3.57 13.30
N HIS A 494 28.22 -4.58 13.24
CA HIS A 494 29.28 -4.75 14.22
C HIS A 494 30.58 -4.83 13.43
N ASN A 495 31.70 -4.51 14.07
CA ASN A 495 32.97 -4.70 13.39
C ASN A 495 33.49 -6.08 13.74
N PHE A 496 33.44 -6.97 12.75
CA PHE A 496 33.77 -8.37 12.97
C PHE A 496 35.14 -8.68 12.44
N GLN A 497 35.83 -9.59 13.13
CA GLN A 497 37.14 -10.04 12.73
C GLN A 497 37.23 -11.55 12.93
N GLU A 498 37.60 -12.25 11.86
CA GLU A 498 37.73 -13.70 11.90
C GLU A 498 38.71 -14.10 13.01
N THR A 499 38.23 -14.95 13.90
CA THR A 499 38.92 -15.25 15.16
C THR A 499 39.12 -16.75 15.31
N THR A 500 40.33 -17.13 15.74
CA THR A 500 40.61 -18.50 16.11
C THR A 500 40.37 -18.63 17.61
N TYR A 501 39.39 -19.45 17.99
CA TYR A 501 38.99 -19.58 19.39
C TYR A 501 39.72 -20.72 20.11
N LEU A 502 40.49 -20.38 21.14
CA LEU A 502 41.28 -21.39 21.86
C LEU A 502 40.48 -22.22 22.86
N LYS A 503 39.40 -21.66 23.38
CA LYS A 503 38.57 -22.39 24.33
C LYS A 503 37.16 -22.50 23.78
N PRO A 504 36.45 -23.59 24.11
CA PRO A 504 35.12 -23.85 23.55
C PRO A 504 34.17 -22.67 23.73
N THR A 505 33.48 -22.28 22.66
CA THR A 505 32.63 -21.11 22.70
C THR A 505 31.43 -21.22 21.75
N PHE A 506 30.39 -20.46 22.03
CA PHE A 506 29.13 -20.56 21.30
C PHE A 506 28.65 -19.26 20.66
N CYS A 507 27.88 -19.42 19.60
CA CYS A 507 27.37 -18.32 18.80
C CYS A 507 26.34 -17.50 19.56
N ASP A 508 26.59 -16.20 19.69
CA ASP A 508 25.69 -15.32 20.43
C ASP A 508 24.43 -15.03 19.62
N ASN A 509 24.50 -15.32 18.32
CA ASN A 509 23.35 -15.15 17.46
C ASN A 509 22.48 -16.41 17.40
N CYS A 510 23.05 -17.50 16.92
CA CYS A 510 22.26 -18.71 16.70
C CYS A 510 22.29 -19.68 17.88
N ALA A 511 22.95 -19.26 18.95
CA ALA A 511 23.02 -20.03 20.19
C ALA A 511 23.59 -21.42 19.98
N GLY A 512 24.68 -21.52 19.24
CA GLY A 512 25.18 -22.82 18.85
C GLY A 512 26.69 -22.91 18.76
N PHE A 513 27.17 -24.14 18.78
CA PHE A 513 28.61 -24.41 18.91
C PHE A 513 29.39 -24.01 17.68
N LEU A 514 30.58 -23.44 17.90
CA LEU A 514 31.45 -23.08 16.79
C LEU A 514 32.42 -24.22 16.51
N TRP A 515 32.18 -24.90 15.40
CA TRP A 515 32.97 -26.06 15.00
C TRP A 515 34.34 -25.69 14.43
N GLY A 516 35.23 -26.66 14.39
CA GLY A 516 36.51 -26.48 13.72
C GLY A 516 37.70 -26.41 14.65
N VAL A 517 38.88 -26.64 14.08
CA VAL A 517 40.13 -26.49 14.79
C VAL A 517 40.47 -25.02 14.99
N ILE A 518 40.49 -24.29 13.87
CA ILE A 518 40.84 -22.88 13.87
C ILE A 518 39.82 -22.10 13.07
N LYS A 519 39.87 -20.77 13.18
CA LYS A 519 38.99 -19.89 12.41
C LYS A 519 37.53 -20.30 12.54
N GLN A 520 37.12 -20.54 13.78
CA GLN A 520 35.82 -21.17 14.03
C GLN A 520 34.67 -20.16 13.98
N GLY A 521 34.99 -18.87 14.01
CA GLY A 521 33.95 -17.85 14.02
C GLY A 521 34.47 -16.44 13.85
N TYR A 522 33.60 -15.47 14.08
CA TYR A 522 33.98 -14.07 13.98
C TYR A 522 33.72 -13.40 15.32
N ARG A 523 34.70 -12.62 15.78
CA ARG A 523 34.52 -11.89 17.04
C ARG A 523 34.37 -10.41 16.76
N CYS A 524 33.49 -9.76 17.51
CA CYS A 524 33.32 -8.33 17.37
C CYS A 524 34.45 -7.63 18.11
N LYS A 525 35.10 -6.69 17.45
CA LYS A 525 36.24 -5.99 18.04
C LYS A 525 35.83 -5.21 19.29
N ASP A 526 34.75 -4.44 19.20
CA ASP A 526 34.33 -3.60 20.32
C ASP A 526 33.56 -4.31 21.43
N CYS A 527 32.54 -5.08 21.07
CA CYS A 527 31.72 -5.72 22.10
C CYS A 527 32.02 -7.19 22.37
N GLY A 528 32.94 -7.76 21.61
CA GLY A 528 33.28 -9.16 21.77
C GLY A 528 32.10 -10.11 21.62
N MET A 529 31.40 -10.00 20.50
CA MET A 529 30.29 -10.91 20.23
C MET A 529 30.80 -12.04 19.33
N ASN A 530 30.36 -13.26 19.64
CA ASN A 530 30.83 -14.43 18.90
C ASN A 530 29.76 -15.02 18.00
N CYS A 531 30.11 -15.26 16.74
CA CYS A 531 29.14 -15.73 15.76
C CYS A 531 29.74 -16.60 14.68
N HIS A 532 28.91 -17.48 14.12
CA HIS A 532 29.24 -18.15 12.88
C HIS A 532 29.35 -17.09 11.79
N LYS A 533 30.12 -17.41 10.74
CA LYS A 533 30.19 -16.56 9.57
C LYS A 533 28.78 -16.26 9.02
N GLN A 534 27.90 -17.24 9.15
CA GLN A 534 26.55 -17.12 8.62
C GLN A 534 25.68 -16.16 9.43
N CYS A 535 25.93 -16.10 10.72
CA CYS A 535 25.10 -15.29 11.60
C CYS A 535 25.55 -13.84 11.70
N LYS A 536 26.79 -13.56 11.29
CA LYS A 536 27.38 -12.27 11.59
C LYS A 536 26.72 -11.06 10.90
N ASP A 537 26.18 -11.27 9.71
CA ASP A 537 25.53 -10.16 9.02
C ASP A 537 24.12 -9.91 9.57
N LEU A 538 23.49 -10.98 10.02
CA LEU A 538 22.10 -10.93 10.49
C LEU A 538 21.91 -10.75 12.01
N VAL A 539 23.00 -10.44 12.73
CA VAL A 539 22.90 -10.20 14.17
C VAL A 539 21.93 -9.05 14.51
N VAL A 540 20.98 -9.34 15.38
CA VAL A 540 19.89 -8.42 15.71
C VAL A 540 20.17 -7.34 16.79
N PHE A 541 21.11 -7.62 17.70
CA PHE A 541 21.47 -6.69 18.78
C PHE A 541 22.49 -5.60 18.41
N GLU A 542 22.48 -4.52 19.17
CA GLU A 542 23.36 -3.37 18.95
C GLU A 542 24.80 -3.59 19.47
N CYS A 543 25.78 -2.92 18.85
CA CYS A 543 27.19 -3.16 19.17
C CYS A 543 27.67 -2.58 20.51
N LYS A 544 26.88 -1.68 21.10
CA LYS A 544 27.36 -0.98 22.29
C LYS A 544 27.10 -1.70 23.60
N LYS A 545 26.62 -2.94 23.52
CA LYS A 545 26.38 -3.80 24.69
C LYS A 545 27.54 -3.78 25.68
C1 CIT B . 3.65 9.62 4.36
O1 CIT B . 3.60 8.42 4.03
O2 CIT B . 3.04 10.47 3.67
C2 CIT B . 4.48 10.05 5.56
C3 CIT B . 3.79 9.70 6.89
O7 CIT B . 4.48 8.57 7.47
C4 CIT B . 3.90 10.86 7.89
C5 CIT B . 5.09 10.63 8.77
O3 CIT B . 6.02 9.85 8.43
O4 CIT B . 5.17 11.21 9.88
C6 CIT B . 2.34 9.32 6.66
O5 CIT B . 2.02 8.13 6.40
O6 CIT B . 1.44 10.18 6.73
C1 GOL C . 38.04 -26.18 21.14
O1 GOL C . 36.78 -25.98 20.54
C2 GOL C . 39.12 -25.50 20.30
O2 GOL C . 39.94 -24.71 21.12
C3 GOL C . 39.97 -26.55 19.59
O3 GOL C . 41.00 -25.93 18.86
ZN ZN D . 29.77 -5.26 18.44
ZN ZN E . 25.34 -18.96 14.57
#